data_2JHL
#
_entry.id   2JHL
#
_cell.length_a   72.930
_cell.length_b   72.930
_cell.length_c   124.830
_cell.angle_alpha   90.00
_cell.angle_beta   90.00
_cell.angle_gamma   120.00
#
_symmetry.space_group_name_H-M   'H 3'
#
loop_
_entity.id
_entity.type
_entity.pdbx_description
1 polymer FICOLIN-1
2 non-polymer 'CALCIUM ION'
3 non-polymer 'N-acetyl-beta-neuraminic acid'
4 water water
#
_entity_poly.entity_id   1
_entity_poly.type   'polypeptide(L)'
_entity_poly.pdbx_seq_one_letter_code
;QSCATGPRNCKDLLDRGYFLSGWHTIYLPDCRPLTVLCDMDTDGGGWTVFQRRMDGSVDFYRDWAAYKQGFGSQLGEFWL
GNDNIHALTAQGSSELRTDLVDFEGNHQFAKYKSFKVADEAEKYKLVLGAFVGGSAGNSLTGHNNNFFSTKDQDNDVSSS
NCAEKFQGAWWYADCHASNLNGLYLMGPHESYANGINWSAAKGYKYSYKVSEMKVRPA
;
_entity_poly.pdbx_strand_id   F
#
loop_
_chem_comp.id
_chem_comp.type
_chem_comp.name
_chem_comp.formula
CA non-polymer 'CALCIUM ION' 'Ca 2'
SLB D-saccharide, beta linking 'N-acetyl-beta-neuraminic acid' 'C11 H19 N O9'
#
# COMPACT_ATOMS: atom_id res chain seq x y z
N SER A 2 -21.45 3.27 18.75
CA SER A 2 -22.37 2.60 17.78
C SER A 2 -21.64 2.23 16.48
N CYS A 3 -21.57 0.92 16.21
CA CYS A 3 -20.85 0.38 15.05
C CYS A 3 -21.67 0.46 13.76
N ALA A 4 -22.90 -0.04 13.79
CA ALA A 4 -23.77 -0.04 12.61
C ALA A 4 -24.16 1.37 12.12
N THR A 5 -23.92 2.37 12.96
CA THR A 5 -24.15 3.77 12.57
C THR A 5 -22.85 4.45 12.16
N GLY A 6 -21.75 3.99 12.76
CA GLY A 6 -20.44 4.62 12.58
C GLY A 6 -19.91 4.52 11.17
N PRO A 7 -18.86 5.30 10.87
CA PRO A 7 -18.25 5.23 9.54
C PRO A 7 -17.48 3.94 9.37
N ARG A 8 -17.56 3.35 8.18
N ARG A 8 -17.56 3.36 8.17
CA ARG A 8 -16.85 2.10 7.88
CA ARG A 8 -16.89 2.10 7.86
C ARG A 8 -15.52 2.38 7.22
C ARG A 8 -15.61 2.32 7.06
N ASN A 9 -15.42 3.55 6.60
CA ASN A 9 -14.24 3.94 5.81
C ASN A 9 -14.19 5.46 5.69
N CYS A 10 -13.18 5.97 4.98
CA CYS A 10 -12.99 7.42 4.84
C CYS A 10 -14.00 8.14 3.93
N LYS A 11 -14.59 7.40 2.99
CA LYS A 11 -15.63 7.98 2.13
C LYS A 11 -16.90 8.29 2.93
N ASP A 12 -17.24 7.41 3.87
CA ASP A 12 -18.31 7.68 4.83
C ASP A 12 -18.05 8.96 5.61
N LEU A 13 -16.79 9.15 6.04
CA LEU A 13 -16.39 10.37 6.73
C LEU A 13 -16.49 11.60 5.83
N LEU A 14 -16.03 11.48 4.58
CA LEU A 14 -16.10 12.62 3.66
C LEU A 14 -17.56 13.04 3.43
N ASP A 15 -18.43 12.04 3.29
CA ASP A 15 -19.86 12.25 3.05
C ASP A 15 -20.53 13.01 4.19
N ARG A 16 -19.96 12.90 5.39
CA ARG A 16 -20.45 13.55 6.59
C ARG A 16 -19.79 14.92 6.86
N GLY A 17 -19.01 15.40 5.89
CA GLY A 17 -18.42 16.74 5.96
C GLY A 17 -17.05 16.86 6.62
N TYR A 18 -16.30 15.76 6.69
CA TYR A 18 -14.90 15.81 7.08
C TYR A 18 -14.00 16.06 5.88
N PHE A 19 -13.69 17.33 5.62
CA PHE A 19 -13.09 17.73 4.33
C PHE A 19 -11.57 17.79 4.29
N LEU A 20 -10.94 17.79 5.46
CA LEU A 20 -9.48 17.81 5.54
C LEU A 20 -8.94 16.39 5.81
N SER A 21 -7.83 16.07 5.17
CA SER A 21 -7.17 14.79 5.40
C SER A 21 -6.68 14.71 6.83
N GLY A 22 -6.63 13.50 7.36
CA GLY A 22 -6.15 13.32 8.73
C GLY A 22 -6.66 12.03 9.32
N TRP A 23 -6.29 11.78 10.57
CA TRP A 23 -6.59 10.51 11.24
C TRP A 23 -7.97 10.52 11.91
N HIS A 24 -8.77 9.50 11.56
CA HIS A 24 -10.14 9.35 12.04
C HIS A 24 -10.41 7.91 12.47
N THR A 25 -11.30 7.72 13.44
CA THR A 25 -11.70 6.37 13.82
C THR A 25 -12.78 5.84 12.86
N ILE A 26 -12.57 4.62 12.39
N ILE A 26 -12.57 4.62 12.39
CA ILE A 26 -13.60 3.90 11.63
CA ILE A 26 -13.61 3.89 11.64
C ILE A 26 -13.86 2.55 12.32
C ILE A 26 -13.90 2.58 12.36
N TYR A 27 -14.95 1.89 11.92
CA TYR A 27 -15.33 0.62 12.49
C TYR A 27 -15.21 -0.47 11.44
N LEU A 28 -14.37 -1.45 11.73
CA LEU A 28 -14.10 -2.56 10.82
C LEU A 28 -15.31 -3.49 10.78
N PRO A 29 -15.36 -4.45 9.82
CA PRO A 29 -16.49 -5.39 9.72
C PRO A 29 -16.84 -6.12 11.02
N ASP A 30 -15.85 -6.47 11.84
CA ASP A 30 -16.10 -7.10 13.14
C ASP A 30 -16.39 -6.09 14.25
N CYS A 31 -16.57 -4.82 13.87
CA CYS A 31 -16.92 -3.72 14.79
C CYS A 31 -15.78 -3.22 15.70
N ARG A 32 -14.57 -3.72 15.49
CA ARG A 32 -13.38 -3.19 16.16
C ARG A 32 -13.12 -1.79 15.61
N PRO A 33 -12.94 -0.81 16.51
CA PRO A 33 -12.54 0.53 16.07
C PRO A 33 -11.06 0.60 15.67
N LEU A 34 -10.76 1.34 14.61
CA LEU A 34 -9.39 1.50 14.13
C LEU A 34 -9.20 2.92 13.62
N THR A 35 -8.09 3.52 14.02
CA THR A 35 -7.76 4.88 13.59
C THR A 35 -6.94 4.80 12.32
N VAL A 36 -7.44 5.45 11.27
CA VAL A 36 -6.85 5.40 9.93
C VAL A 36 -6.64 6.79 9.35
N LEU A 37 -5.70 6.90 8.40
CA LEU A 37 -5.49 8.15 7.71
C LEU A 37 -6.42 8.26 6.50
N CYS A 38 -7.23 9.33 6.50
CA CYS A 38 -8.10 9.64 5.38
C CYS A 38 -7.44 10.67 4.49
N ASP A 39 -7.29 10.37 3.21
CA ASP A 39 -6.89 11.37 2.23
C ASP A 39 -8.14 11.98 1.61
N MET A 40 -8.48 13.20 2.03
CA MET A 40 -9.70 13.88 1.55
C MET A 40 -9.42 14.86 0.40
N ASP A 41 -8.15 14.94 0.00
CA ASP A 41 -7.66 15.99 -0.89
C ASP A 41 -7.40 15.51 -2.32
N THR A 42 -7.00 14.24 -2.44
CA THR A 42 -6.59 13.70 -3.73
C THR A 42 -7.76 13.10 -4.49
N ASP A 43 -7.91 13.53 -5.74
CA ASP A 43 -8.84 12.91 -6.67
C ASP A 43 -10.23 12.72 -6.05
N GLY A 44 -10.82 13.82 -5.60
CA GLY A 44 -12.14 13.80 -4.96
C GLY A 44 -12.20 13.40 -3.49
N GLY A 45 -11.13 12.81 -2.97
CA GLY A 45 -11.09 12.44 -1.54
C GLY A 45 -11.79 11.16 -1.17
N GLY A 46 -11.87 10.90 0.14
CA GLY A 46 -12.53 9.71 0.65
C GLY A 46 -11.68 8.44 0.63
N TRP A 47 -10.38 8.61 0.45
CA TRP A 47 -9.41 7.52 0.40
C TRP A 47 -8.89 7.15 1.79
N THR A 48 -8.78 5.85 2.06
CA THR A 48 -8.20 5.32 3.29
C THR A 48 -6.76 4.90 2.99
N VAL A 49 -5.79 5.59 3.58
CA VAL A 49 -4.38 5.37 3.25
C VAL A 49 -3.76 4.27 4.11
N PHE A 50 -3.17 3.25 3.47
CA PHE A 50 -2.58 2.15 4.24
C PHE A 50 -1.05 2.02 4.17
N GLN A 51 -0.43 2.80 3.27
CA GLN A 51 1.02 2.88 3.24
C GLN A 51 1.36 4.31 2.90
N ARG A 52 2.38 4.87 3.56
N ARG A 52 2.40 4.83 3.55
CA ARG A 52 2.88 6.20 3.23
CA ARG A 52 2.91 6.16 3.28
C ARG A 52 4.38 6.28 3.50
C ARG A 52 4.42 6.20 3.49
N ARG A 53 5.15 6.66 2.48
CA ARG A 53 6.59 6.96 2.63
C ARG A 53 6.76 8.40 2.16
N MET A 54 7.72 9.11 2.74
N MET A 54 7.69 9.12 2.75
CA MET A 54 7.94 10.52 2.39
CA MET A 54 7.99 10.48 2.26
C MET A 54 9.37 11.02 2.59
C MET A 54 9.32 11.10 2.70
N ASP A 55 10.12 10.35 3.47
CA ASP A 55 11.44 10.87 3.92
C ASP A 55 12.48 9.85 4.39
N GLY A 56 12.12 8.57 4.43
CA GLY A 56 13.07 7.53 4.87
C GLY A 56 13.35 7.44 6.35
N SER A 57 12.56 8.16 7.15
CA SER A 57 12.69 8.17 8.61
C SER A 57 12.36 6.83 9.26
N VAL A 58 11.51 6.03 8.61
CA VAL A 58 11.09 4.74 9.14
C VAL A 58 11.70 3.58 8.33
N ASP A 59 12.17 2.57 9.06
CA ASP A 59 12.71 1.34 8.46
C ASP A 59 11.56 0.43 7.98
N PHE A 60 11.53 0.14 6.68
CA PHE A 60 10.51 -0.74 6.13
C PHE A 60 10.98 -2.17 5.90
N TYR A 61 12.24 -2.45 6.20
CA TYR A 61 12.76 -3.80 6.03
C TYR A 61 12.45 -4.59 7.30
N ARG A 62 11.17 -4.92 7.47
CA ARG A 62 10.66 -5.51 8.71
C ARG A 62 10.12 -6.92 8.50
N ASP A 63 9.84 -7.60 9.61
CA ASP A 63 9.39 -8.99 9.59
C ASP A 63 7.87 -9.19 9.42
N TRP A 64 7.45 -10.46 9.36
CA TRP A 64 6.06 -10.84 9.14
C TRP A 64 5.18 -10.18 10.19
N ALA A 65 5.66 -10.22 11.44
CA ALA A 65 4.96 -9.69 12.61
C ALA A 65 4.70 -8.19 12.48
N ALA A 66 5.75 -7.45 12.13
CA ALA A 66 5.66 -6.01 11.95
C ALA A 66 4.66 -5.67 10.86
N TYR A 67 4.76 -6.33 9.70
CA TYR A 67 3.80 -6.09 8.64
C TYR A 67 2.37 -6.53 8.97
N LYS A 68 2.24 -7.61 9.74
CA LYS A 68 0.95 -8.11 10.22
C LYS A 68 0.22 -7.08 11.09
N GLN A 69 0.93 -6.52 12.06
CA GLN A 69 0.35 -5.57 13.03
C GLN A 69 0.32 -4.11 12.58
N GLY A 70 1.25 -3.74 11.69
CA GLY A 70 1.46 -2.35 11.32
C GLY A 70 2.62 -1.73 12.09
N PHE A 71 3.22 -0.69 11.51
CA PHE A 71 4.37 -0.03 12.13
C PHE A 71 4.54 1.35 11.54
N GLY A 72 5.31 2.18 12.23
CA GLY A 72 5.56 3.56 11.79
C GLY A 72 4.84 4.57 12.65
N SER A 73 4.54 5.74 12.05
CA SER A 73 3.99 6.88 12.81
C SER A 73 2.85 7.55 12.08
N GLN A 74 1.81 7.91 12.82
CA GLN A 74 0.71 8.74 12.31
C GLN A 74 1.22 10.08 11.78
N LEU A 75 2.33 10.54 12.34
CA LEU A 75 2.92 11.85 11.98
C LEU A 75 3.79 11.76 10.73
N GLY A 76 4.03 10.54 10.25
CA GLY A 76 4.89 10.37 9.10
C GLY A 76 4.65 9.09 8.32
N GLU A 77 5.70 8.29 8.21
CA GLU A 77 5.68 7.09 7.37
C GLU A 77 5.09 5.91 8.12
N PHE A 78 4.30 5.08 7.44
CA PHE A 78 3.73 3.90 8.10
C PHE A 78 3.26 2.81 7.13
N TRP A 79 3.04 1.62 7.70
CA TRP A 79 2.29 0.54 7.06
C TRP A 79 1.16 0.23 8.04
N LEU A 80 -0.09 0.31 7.58
CA LEU A 80 -1.27 0.19 8.47
C LEU A 80 -1.37 -1.17 9.15
N GLY A 81 -0.90 -2.20 8.47
CA GLY A 81 -1.00 -3.55 9.00
C GLY A 81 -1.85 -4.46 8.13
N ASN A 82 -1.33 -5.65 7.88
CA ASN A 82 -1.99 -6.62 6.98
C ASN A 82 -3.35 -7.13 7.46
N ASP A 83 -3.47 -7.38 8.75
CA ASP A 83 -4.77 -7.67 9.37
C ASP A 83 -5.78 -6.54 9.14
N ASN A 84 -5.33 -5.30 9.35
CA ASN A 84 -6.13 -4.12 9.10
C ASN A 84 -6.53 -3.95 7.63
N ILE A 85 -5.57 -4.15 6.72
CA ILE A 85 -5.83 -3.97 5.28
C ILE A 85 -6.83 -5.01 4.79
N HIS A 86 -6.69 -6.24 5.27
CA HIS A 86 -7.69 -7.28 4.96
C HIS A 86 -9.10 -6.83 5.38
N ALA A 87 -9.23 -6.38 6.62
CA ALA A 87 -10.55 -6.00 7.17
C ALA A 87 -11.16 -4.85 6.39
N LEU A 88 -10.31 -3.91 5.99
CA LEU A 88 -10.74 -2.73 5.26
C LEU A 88 -11.29 -3.05 3.87
N THR A 89 -10.79 -4.12 3.28
CA THR A 89 -11.08 -4.44 1.88
C THR A 89 -12.02 -5.64 1.68
N ALA A 90 -12.46 -6.25 2.78
CA ALA A 90 -13.38 -7.40 2.74
C ALA A 90 -14.81 -7.03 2.31
N GLN A 91 -15.29 -5.89 2.79
CA GLN A 91 -16.65 -5.41 2.47
C GLN A 91 -16.68 -4.59 1.18
N GLY A 92 -17.66 -4.89 0.32
CA GLY A 92 -17.86 -4.13 -0.92
C GLY A 92 -16.74 -4.24 -1.93
N SER A 93 -16.64 -3.25 -2.82
CA SER A 93 -15.54 -3.17 -3.77
C SER A 93 -14.77 -1.88 -3.57
N SER A 94 -13.47 -2.02 -3.33
CA SER A 94 -12.60 -0.85 -3.11
C SER A 94 -11.63 -0.63 -4.26
N GLU A 95 -11.64 0.58 -4.82
CA GLU A 95 -10.64 1.01 -5.80
C GLU A 95 -9.31 1.23 -5.09
N LEU A 96 -8.21 1.01 -5.82
CA LEU A 96 -6.87 1.29 -5.30
C LEU A 96 -6.26 2.43 -6.09
N ARG A 97 -5.66 3.37 -5.37
CA ARG A 97 -4.90 4.44 -5.95
C ARG A 97 -3.49 4.38 -5.38
N THR A 98 -2.51 4.47 -6.27
CA THR A 98 -1.10 4.61 -5.87
C THR A 98 -0.63 5.99 -6.28
N ASP A 99 -0.23 6.78 -5.30
CA ASP A 99 0.36 8.10 -5.58
C ASP A 99 1.87 8.08 -5.37
N LEU A 100 2.59 8.64 -6.35
CA LEU A 100 4.05 8.66 -6.35
C LEU A 100 4.56 10.07 -6.65
N VAL A 101 5.63 10.46 -5.98
CA VAL A 101 6.28 11.75 -6.27
C VAL A 101 7.79 11.51 -6.34
N ASP A 102 8.42 11.96 -7.42
CA ASP A 102 9.87 11.84 -7.53
C ASP A 102 10.58 13.04 -6.88
N PHE A 103 11.91 13.05 -6.95
CA PHE A 103 12.72 14.09 -6.31
C PHE A 103 12.85 15.37 -7.12
N GLU A 104 12.36 15.31 -8.35
CA GLU A 104 12.30 16.47 -9.25
C GLU A 104 10.88 17.06 -9.20
N GLY A 105 10.11 16.63 -8.19
CA GLY A 105 8.80 17.19 -7.89
C GLY A 105 7.61 16.73 -8.71
N ASN A 106 7.83 15.75 -9.59
CA ASN A 106 6.79 15.26 -10.49
C ASN A 106 5.86 14.24 -9.82
N HIS A 107 4.56 14.49 -9.90
CA HIS A 107 3.57 13.58 -9.34
C HIS A 107 3.05 12.61 -10.38
N GLN A 108 3.08 11.32 -10.03
CA GLN A 108 2.56 10.27 -10.89
C GLN A 108 1.60 9.40 -10.09
N PHE A 109 0.68 8.72 -10.79
CA PHE A 109 -0.31 7.92 -10.10
C PHE A 109 -0.75 6.73 -10.95
N ALA A 110 -1.25 5.71 -10.27
CA ALA A 110 -1.86 4.55 -10.90
C ALA A 110 -3.14 4.26 -10.16
N LYS A 111 -4.19 3.94 -10.92
N LYS A 111 -4.20 3.95 -10.91
CA LYS A 111 -5.48 3.57 -10.35
CA LYS A 111 -5.46 3.54 -10.33
C LYS A 111 -5.87 2.17 -10.82
C LYS A 111 -5.88 2.17 -10.81
N TYR A 112 -6.50 1.42 -9.91
CA TYR A 112 -7.00 0.07 -10.20
C TYR A 112 -8.47 -0.03 -9.76
N LYS A 113 -9.29 -0.71 -10.58
CA LYS A 113 -10.74 -0.71 -10.40
C LYS A 113 -11.21 -1.42 -9.11
N SER A 114 -10.48 -2.45 -8.70
CA SER A 114 -10.70 -3.08 -7.40
C SER A 114 -9.41 -3.59 -6.77
N PHE A 115 -9.48 -3.82 -5.45
CA PHE A 115 -8.31 -4.21 -4.66
C PHE A 115 -8.78 -4.86 -3.37
N LYS A 116 -8.25 -6.04 -3.12
CA LYS A 116 -8.59 -6.79 -1.94
C LYS A 116 -7.36 -7.53 -1.51
N VAL A 117 -7.15 -7.64 -0.21
N VAL A 117 -7.22 -7.70 -0.20
CA VAL A 117 -6.16 -8.58 0.31
CA VAL A 117 -6.16 -8.49 0.42
C VAL A 117 -6.88 -9.59 1.18
C VAL A 117 -6.85 -9.58 1.24
N ALA A 118 -6.48 -10.84 1.03
CA ALA A 118 -7.07 -11.96 1.75
C ALA A 118 -6.58 -11.99 3.19
N ASP A 119 -7.12 -12.91 3.99
CA ASP A 119 -6.76 -13.01 5.41
C ASP A 119 -5.41 -13.71 5.59
N GLU A 120 -4.94 -13.82 6.83
CA GLU A 120 -3.62 -14.40 7.09
C GLU A 120 -3.50 -15.86 6.64
N ALA A 121 -4.58 -16.62 6.77
CA ALA A 121 -4.63 -18.02 6.33
C ALA A 121 -4.23 -18.18 4.86
N GLU A 122 -4.55 -17.16 4.06
N GLU A 122 -4.55 -17.16 4.05
CA GLU A 122 -4.20 -17.13 2.64
CA GLU A 122 -4.18 -17.17 2.65
C GLU A 122 -3.07 -16.13 2.39
C GLU A 122 -3.08 -16.13 2.39
N LYS A 123 -2.26 -15.91 3.42
CA LYS A 123 -1.04 -15.07 3.35
C LYS A 123 -1.23 -13.67 2.77
N TYR A 124 -2.36 -13.06 3.09
CA TYR A 124 -2.69 -11.69 2.63
C TYR A 124 -2.58 -11.55 1.11
N LYS A 125 -3.04 -12.59 0.40
CA LYS A 125 -3.01 -12.63 -1.06
C LYS A 125 -3.68 -11.43 -1.71
N LEU A 126 -3.00 -10.89 -2.70
CA LEU A 126 -3.50 -9.77 -3.50
C LEU A 126 -4.56 -10.21 -4.51
N VAL A 127 -5.73 -9.59 -4.45
CA VAL A 127 -6.78 -9.82 -5.43
C VAL A 127 -7.06 -8.48 -6.09
N LEU A 128 -6.49 -8.29 -7.28
CA LEU A 128 -6.47 -6.97 -7.93
C LEU A 128 -7.35 -6.91 -9.17
N GLY A 129 -8.18 -5.87 -9.25
CA GLY A 129 -9.01 -5.62 -10.43
C GLY A 129 -8.29 -4.87 -11.52
N ALA A 130 -9.04 -4.46 -12.53
CA ALA A 130 -8.48 -3.91 -13.76
C ALA A 130 -7.71 -2.61 -13.58
N PHE A 131 -6.55 -2.50 -14.23
CA PHE A 131 -5.85 -1.22 -14.36
C PHE A 131 -6.73 -0.21 -15.08
N VAL A 132 -6.86 0.98 -14.50
CA VAL A 132 -7.70 2.03 -15.07
C VAL A 132 -6.83 2.96 -15.88
N GLY A 133 -5.65 3.28 -15.36
CA GLY A 133 -4.77 4.24 -16.02
C GLY A 133 -4.03 5.08 -15.02
N GLY A 134 -3.31 6.07 -15.52
CA GLY A 134 -2.46 6.91 -14.67
C GLY A 134 -1.06 7.04 -15.24
N SER A 135 -0.45 8.20 -14.99
CA SER A 135 0.88 8.55 -15.48
C SER A 135 1.99 7.59 -15.04
N ALA A 136 1.79 6.94 -13.90
CA ALA A 136 2.79 6.02 -13.36
C ALA A 136 2.86 4.70 -14.11
N GLY A 137 1.81 4.41 -14.88
CA GLY A 137 1.73 3.16 -15.60
C GLY A 137 1.40 2.02 -14.65
N ASN A 138 1.38 0.81 -15.19
CA ASN A 138 0.91 -0.38 -14.46
C ASN A 138 2.05 -1.31 -14.06
N SER A 139 2.38 -1.31 -12.77
CA SER A 139 3.40 -2.20 -12.24
C SER A 139 2.87 -3.07 -11.12
N LEU A 140 1.54 -3.21 -11.03
CA LEU A 140 0.96 -4.07 -9.99
C LEU A 140 0.18 -5.29 -10.48
N THR A 141 -0.33 -5.24 -11.71
N THR A 141 -0.33 -5.24 -11.71
CA THR A 141 -1.06 -6.37 -12.29
CA THR A 141 -1.06 -6.37 -12.29
C THR A 141 -0.21 -7.65 -12.26
C THR A 141 -0.21 -7.65 -12.26
N GLY A 142 1.09 -7.50 -12.51
CA GLY A 142 2.02 -8.63 -12.48
C GLY A 142 2.23 -9.27 -11.11
N HIS A 143 1.59 -8.70 -10.09
CA HIS A 143 1.61 -9.25 -8.74
C HIS A 143 0.26 -9.84 -8.35
N ASN A 144 -0.75 -9.66 -9.18
CA ASN A 144 -2.07 -10.20 -8.87
C ASN A 144 -1.96 -11.67 -8.47
N ASN A 145 -2.73 -12.05 -7.45
CA ASN A 145 -2.87 -13.44 -6.99
C ASN A 145 -1.63 -14.01 -6.30
N ASN A 146 -0.69 -13.14 -5.94
CA ASN A 146 0.47 -13.54 -5.17
C ASN A 146 0.27 -13.27 -3.69
N PHE A 147 0.78 -14.18 -2.86
CA PHE A 147 0.79 -14.02 -1.43
C PHE A 147 1.71 -12.87 -1.04
N PHE A 148 1.52 -12.33 0.15
CA PHE A 148 2.45 -11.36 0.70
C PHE A 148 3.65 -12.11 1.29
N SER A 149 4.84 -11.54 1.16
CA SER A 149 6.07 -12.09 1.73
C SER A 149 6.91 -11.04 2.45
N THR A 150 7.57 -11.46 3.52
CA THR A 150 8.58 -10.66 4.21
C THR A 150 9.88 -11.44 4.26
N LYS A 151 10.95 -10.82 4.77
CA LYS A 151 12.26 -11.48 4.82
C LYS A 151 12.18 -12.85 5.50
N ASP A 152 11.41 -12.91 6.59
CA ASP A 152 11.33 -14.13 7.40
C ASP A 152 10.22 -15.11 7.04
N GLN A 153 9.43 -14.74 6.03
N GLN A 153 9.42 -14.77 6.01
CA GLN A 153 8.40 -15.64 5.51
CA GLN A 153 8.38 -15.67 5.52
C GLN A 153 8.28 -15.50 4.00
C GLN A 153 8.14 -15.59 4.01
N ASP A 154 8.80 -16.50 3.30
CA ASP A 154 8.82 -16.53 1.85
C ASP A 154 7.58 -17.25 1.31
N ASN A 155 6.67 -16.48 0.70
CA ASN A 155 5.49 -17.02 0.02
C ASN A 155 5.44 -16.66 -1.45
N ASP A 156 6.58 -16.25 -2.01
CA ASP A 156 6.59 -15.81 -3.40
C ASP A 156 6.61 -17.02 -4.36
N VAL A 157 6.71 -16.77 -5.66
CA VAL A 157 6.80 -17.86 -6.65
C VAL A 157 8.21 -17.97 -7.25
N SER A 158 9.21 -17.69 -6.41
CA SER A 158 10.62 -17.74 -6.82
C SER A 158 11.37 -18.76 -5.99
N SER A 159 12.36 -19.42 -6.60
CA SER A 159 13.24 -20.32 -5.86
C SER A 159 14.11 -19.54 -4.88
N SER A 160 14.24 -18.24 -5.13
CA SER A 160 14.95 -17.33 -4.23
C SER A 160 13.99 -16.67 -3.24
N ASN A 161 14.57 -15.91 -2.31
CA ASN A 161 13.80 -15.14 -1.33
C ASN A 161 13.72 -13.68 -1.78
N CYS A 162 12.67 -13.34 -2.51
CA CYS A 162 12.53 -12.00 -3.10
C CYS A 162 12.65 -10.84 -2.10
N ALA A 163 12.03 -11.01 -0.93
CA ALA A 163 12.02 -9.98 0.11
C ALA A 163 13.43 -9.66 0.61
N GLU A 164 14.28 -10.68 0.68
N GLU A 164 14.27 -10.69 0.71
CA GLU A 164 15.68 -10.51 1.07
CA GLU A 164 15.68 -10.51 1.06
C GLU A 164 16.49 -9.91 -0.07
C GLU A 164 16.44 -9.84 -0.08
N LYS A 165 16.18 -10.30 -1.32
CA LYS A 165 16.89 -9.79 -2.53
C LYS A 165 17.11 -8.26 -2.54
N PHE A 166 16.17 -7.41 -2.18
CA PHE A 166 15.25 -6.58 -2.98
C PHE A 166 14.74 -5.71 -1.85
N GLN A 167 15.01 -6.24 -0.64
CA GLN A 167 15.07 -5.48 0.60
C GLN A 167 13.75 -4.78 0.90
N GLY A 168 12.67 -5.55 0.86
CA GLY A 168 11.35 -5.01 1.13
C GLY A 168 10.38 -6.05 1.65
N ALA A 169 9.10 -5.79 1.41
CA ALA A 169 8.01 -6.68 1.78
C ALA A 169 6.88 -6.39 0.81
N TRP A 170 6.34 -7.41 0.16
CA TRP A 170 5.41 -7.19 -0.97
C TRP A 170 4.77 -8.50 -1.36
N TRP A 171 3.80 -8.43 -2.28
CA TRP A 171 3.22 -9.60 -2.93
C TRP A 171 4.17 -10.06 -4.04
N TYR A 172 5.39 -10.42 -3.65
CA TYR A 172 6.44 -10.77 -4.60
C TYR A 172 6.06 -11.98 -5.45
N ALA A 173 6.43 -11.91 -6.72
CA ALA A 173 6.23 -13.01 -7.68
C ALA A 173 7.59 -13.68 -7.92
N ASP A 174 8.29 -13.32 -8.98
CA ASP A 174 9.67 -13.78 -9.21
C ASP A 174 10.46 -12.75 -10.03
N CYS A 175 10.73 -11.55 -9.47
CA CYS A 175 10.33 -11.13 -8.11
C CYS A 175 9.33 -9.97 -8.10
N HIS A 176 9.62 -8.90 -8.85
CA HIS A 176 8.70 -7.74 -8.83
C HIS A 176 8.78 -6.81 -10.02
N ALA A 177 7.66 -6.11 -10.23
CA ALA A 177 7.60 -4.93 -11.08
C ALA A 177 7.49 -3.69 -10.20
N SER A 178 6.98 -3.87 -8.98
CA SER A 178 6.90 -2.77 -8.00
C SER A 178 7.40 -3.22 -6.62
N ASN A 179 7.94 -2.28 -5.85
CA ASN A 179 8.60 -2.61 -4.60
C ASN A 179 8.48 -1.41 -3.64
N LEU A 180 7.25 -0.99 -3.36
CA LEU A 180 7.05 0.31 -2.70
C LEU A 180 7.45 0.32 -1.22
N ASN A 181 7.64 -0.88 -0.65
CA ASN A 181 8.18 -1.02 0.71
C ASN A 181 9.69 -1.32 0.73
N GLY A 182 10.36 -1.02 -0.38
CA GLY A 182 11.82 -1.22 -0.48
C GLY A 182 12.62 -0.13 0.21
N LEU A 183 13.93 -0.15 0.02
CA LEU A 183 14.79 0.85 0.68
C LEU A 183 14.56 2.28 0.17
N TYR A 184 14.61 3.25 1.10
CA TYR A 184 14.45 4.65 0.73
C TYR A 184 15.77 5.19 0.16
N LEU A 185 15.97 4.98 -1.14
CA LEU A 185 17.28 5.21 -1.75
C LEU A 185 17.56 6.61 -2.27
N MET A 186 16.53 7.45 -2.27
N MET A 186 16.53 7.45 -2.21
CA MET A 186 16.67 8.91 -2.55
CA MET A 186 16.62 8.86 -2.60
C MET A 186 16.83 9.33 -4.04
C MET A 186 17.03 9.03 -4.07
N GLY A 187 16.10 8.68 -4.94
CA GLY A 187 16.23 8.95 -6.38
C GLY A 187 17.05 7.88 -7.06
N PRO A 188 17.96 8.27 -7.97
CA PRO A 188 18.74 7.27 -8.69
C PRO A 188 19.65 6.45 -7.76
N HIS A 189 19.68 5.15 -8.00
CA HIS A 189 20.57 4.24 -7.28
C HIS A 189 21.20 3.18 -8.19
N GLU A 190 22.38 2.71 -7.80
CA GLU A 190 23.14 1.76 -8.61
C GLU A 190 22.74 0.31 -8.36
N SER A 191 22.23 0.05 -7.16
CA SER A 191 21.75 -1.28 -6.80
C SER A 191 20.48 -1.59 -7.59
N TYR A 192 20.29 -2.85 -7.95
CA TYR A 192 19.17 -3.22 -8.80
C TYR A 192 17.89 -3.55 -8.03
N ALA A 193 16.85 -2.75 -8.25
CA ALA A 193 15.47 -3.11 -7.89
C ALA A 193 15.20 -3.25 -6.40
N ASN A 194 16.04 -2.62 -5.58
CA ASN A 194 15.90 -2.70 -4.12
C ASN A 194 15.45 -1.40 -3.46
N GLY A 195 14.94 -0.47 -4.27
CA GLY A 195 14.47 0.83 -3.79
C GLY A 195 12.95 0.91 -3.84
N ILE A 196 12.41 2.10 -3.60
CA ILE A 196 10.97 2.32 -3.77
C ILE A 196 10.72 2.44 -5.27
N ASN A 197 10.59 1.30 -5.92
CA ASN A 197 10.54 1.22 -7.38
C ASN A 197 9.15 0.92 -7.92
N TRP A 198 8.79 1.64 -8.97
CA TRP A 198 7.59 1.35 -9.74
C TRP A 198 8.07 1.31 -11.19
N SER A 199 8.37 0.11 -11.67
CA SER A 199 9.19 -0.06 -12.90
C SER A 199 8.57 0.50 -14.19
N ALA A 200 7.24 0.52 -14.27
CA ALA A 200 6.54 1.07 -15.45
C ALA A 200 6.72 2.57 -15.64
N ALA A 201 7.16 3.25 -14.59
CA ALA A 201 7.38 4.69 -14.63
C ALA A 201 8.85 5.05 -14.68
N LYS A 202 9.56 4.85 -13.57
CA LYS A 202 10.97 5.25 -13.46
C LYS A 202 11.94 4.09 -13.40
N GLY A 203 11.47 2.88 -13.71
CA GLY A 203 12.32 1.70 -13.77
C GLY A 203 12.82 1.16 -12.45
N TYR A 204 13.87 0.34 -12.50
CA TYR A 204 14.33 -0.42 -11.35
C TYR A 204 15.50 0.22 -10.61
N LYS A 205 15.87 1.43 -11.01
CA LYS A 205 17.04 2.09 -10.45
C LYS A 205 16.74 3.54 -10.11
N TYR A 206 15.47 3.80 -9.78
CA TYR A 206 15.04 5.09 -9.28
C TYR A 206 14.07 4.91 -8.11
N SER A 207 14.41 5.45 -6.95
CA SER A 207 13.61 5.31 -5.73
C SER A 207 12.81 6.59 -5.43
N TYR A 208 11.49 6.46 -5.41
CA TYR A 208 10.60 7.61 -5.25
C TYR A 208 10.72 8.36 -3.91
N LYS A 209 10.46 9.66 -3.94
CA LYS A 209 10.45 10.48 -2.73
C LYS A 209 9.24 10.19 -1.84
N VAL A 210 8.08 10.07 -2.48
CA VAL A 210 6.81 9.80 -1.79
C VAL A 210 6.13 8.62 -2.45
N SER A 211 5.58 7.74 -1.61
N SER A 211 5.58 7.73 -1.63
CA SER A 211 4.70 6.66 -2.06
CA SER A 211 4.67 6.70 -2.12
C SER A 211 3.49 6.64 -1.13
C SER A 211 3.51 6.59 -1.15
N GLU A 212 2.30 6.50 -1.70
CA GLU A 212 1.10 6.30 -0.90
C GLU A 212 0.21 5.29 -1.57
N MET A 213 -0.37 4.43 -0.75
CA MET A 213 -1.31 3.43 -1.23
C MET A 213 -2.60 3.61 -0.46
N LYS A 214 -3.71 3.67 -1.18
CA LYS A 214 -4.97 4.09 -0.57
C LYS A 214 -6.18 3.51 -1.30
N VAL A 215 -7.28 3.37 -0.57
CA VAL A 215 -8.49 2.70 -1.08
C VAL A 215 -9.78 3.52 -0.87
N ARG A 216 -10.73 3.37 -1.79
CA ARG A 216 -12.02 4.06 -1.71
C ARG A 216 -13.08 3.13 -2.28
N PRO A 217 -14.29 3.13 -1.71
CA PRO A 217 -15.36 2.35 -2.35
C PRO A 217 -15.51 2.67 -3.84
N ALA A 218 -15.66 1.64 -4.66
CA ALA A 218 -15.78 1.83 -6.10
C ALA A 218 -17.07 2.58 -6.43
CA CA B . 10.70 -18.07 -2.75
C1 SLB C . 13.05 -11.72 -16.37
C2 SLB C . 13.27 -10.51 -15.50
C3 SLB C . 14.41 -10.82 -14.54
C4 SLB C . 14.52 -9.78 -13.43
C5 SLB C . 13.18 -9.57 -12.72
C6 SLB C . 12.14 -9.21 -13.80
C7 SLB C . 10.75 -8.96 -13.19
C8 SLB C . 9.81 -8.32 -14.18
C9 SLB C . 8.32 -8.57 -14.07
C10 SLB C . 12.90 -8.36 -10.68
C11 SLB C . 13.19 -7.10 -9.94
N5 SLB C . 13.36 -8.40 -11.86
O1A SLB C . 12.83 -12.80 -15.79
O1B SLB C . 13.09 -11.58 -17.61
O2 SLB C . 13.59 -9.37 -16.33
O4 SLB C . 15.49 -10.21 -12.48
O6 SLB C . 12.06 -10.28 -14.75
O7 SLB C . 10.22 -10.20 -12.71
O8 SLB C . 10.24 -7.57 -15.05
O9 SLB C . 7.58 -7.55 -14.74
O10 SLB C . 12.27 -9.26 -10.15
#